data_3K9R
#
_entry.id   3K9R
#
_cell.length_a   37.286
_cell.length_b   78.894
_cell.length_c   64.767
_cell.angle_alpha   90.00
_cell.angle_beta   103.09
_cell.angle_gamma   90.00
#
_symmetry.space_group_name_H-M   'P 1 21 1'
#
loop_
_entity.id
_entity.type
_entity.pdbx_description
1 polymer 'Alr3790 protein'
2 water water
#
_entity_poly.entity_id   1
_entity_poly.type   'polypeptide(L)'
_entity_poly.pdbx_seq_one_letter_code
;(MSE)PIEPQSDAHVLKSRLEWGEPAFTILDVRDRSTYNDGHI(MSE)GA(MSE)A(MSE)PIEDLVDRASSSLEKSRDI
YVYGAGDEQTSQAVNLLRSAGFEHVSELKGGLAAWKAIGGPTELEHHHHHH
;
_entity_poly.pdbx_strand_id   A,B,C,D
#
# COMPACT_ATOMS: atom_id res chain seq x y z
N SER A 7 -2.59 33.59 -15.07
CA SER A 7 -1.10 33.61 -14.89
C SER A 7 -0.40 33.40 -16.23
N ASP A 8 0.84 33.90 -16.32
CA ASP A 8 1.62 33.78 -17.55
C ASP A 8 2.08 32.35 -17.81
N ALA A 9 1.69 31.82 -18.96
CA ALA A 9 2.01 30.45 -19.36
C ALA A 9 3.51 30.12 -19.36
N HIS A 10 4.35 31.14 -19.52
CA HIS A 10 5.80 30.89 -19.53
C HIS A 10 6.19 30.11 -18.28
N VAL A 11 5.61 30.49 -17.16
CA VAL A 11 5.87 29.84 -15.89
C VAL A 11 5.56 28.35 -16.01
N LEU A 12 4.34 28.04 -16.45
CA LEU A 12 3.88 26.67 -16.61
C LEU A 12 4.71 25.90 -17.62
N LYS A 13 5.03 26.53 -18.75
CA LYS A 13 5.85 25.86 -19.75
C LYS A 13 7.18 25.52 -19.10
N SER A 14 7.68 26.47 -18.31
CA SER A 14 8.93 26.29 -17.60
C SER A 14 8.84 25.12 -16.62
N ARG A 15 7.69 24.97 -15.96
CA ARG A 15 7.48 23.87 -15.02
C ARG A 15 7.49 22.55 -15.79
N LEU A 16 6.78 22.53 -16.92
CA LEU A 16 6.70 21.33 -17.75
C LEU A 16 8.06 21.03 -18.36
N GLU A 20 8.89 15.04 -18.64
CA GLU A 20 8.54 14.90 -20.05
C GLU A 20 8.97 13.52 -20.59
N PRO A 21 8.08 12.83 -21.31
CA PRO A 21 6.72 13.27 -21.65
C PRO A 21 5.81 13.31 -20.42
N ALA A 22 4.57 13.73 -20.62
CA ALA A 22 3.60 13.83 -19.55
C ALA A 22 3.31 12.51 -18.85
N PHE A 23 2.92 12.60 -17.59
CA PHE A 23 2.56 11.44 -16.79
C PHE A 23 1.57 11.88 -15.74
N THR A 24 0.76 10.94 -15.26
CA THR A 24 -0.23 11.23 -14.24
C THR A 24 -0.18 10.17 -13.15
N ILE A 25 -0.31 10.59 -11.90
CA ILE A 25 -0.29 9.67 -10.78
C ILE A 25 -1.71 9.47 -10.28
N LEU A 26 -2.14 8.22 -10.19
CA LEU A 26 -3.50 7.90 -9.76
C LEU A 26 -3.52 7.16 -8.42
N ASP A 27 -4.31 7.68 -7.48
CA ASP A 27 -4.46 7.09 -6.15
C ASP A 27 -5.84 6.41 -6.19
N VAL A 28 -5.86 5.08 -6.19
CA VAL A 28 -7.13 4.37 -6.28
C VAL A 28 -7.79 3.99 -4.96
N ARG A 29 -7.18 4.39 -3.85
CA ARG A 29 -7.74 4.10 -2.54
C ARG A 29 -8.99 4.97 -2.38
N ASP A 30 -9.73 4.77 -1.29
CA ASP A 30 -10.94 5.55 -1.03
C ASP A 30 -10.60 7.05 -0.95
N ARG A 31 -11.56 7.90 -1.34
CA ARG A 31 -11.34 9.34 -1.30
C ARG A 31 -11.00 9.86 0.09
N SER A 32 -11.63 9.30 1.12
CA SER A 32 -11.34 9.75 2.49
C SER A 32 -9.90 9.39 2.84
N THR A 33 -9.42 8.26 2.33
CA THR A 33 -8.05 7.84 2.57
C THR A 33 -7.13 8.85 1.88
N TYR A 34 -7.47 9.18 0.64
CA TYR A 34 -6.72 10.15 -0.15
C TYR A 34 -6.63 11.49 0.61
N ASN A 35 -7.73 11.89 1.24
CA ASN A 35 -7.75 13.16 1.97
C ASN A 35 -6.81 13.18 3.18
N ASP A 36 -6.53 12.01 3.75
CA ASP A 36 -5.63 11.92 4.90
C ASP A 36 -4.17 12.00 4.47
N GLY A 37 -3.93 11.83 3.17
CA GLY A 37 -2.57 11.89 2.67
C GLY A 37 -2.41 11.11 1.39
N HIS A 38 -1.78 11.72 0.39
CA HIS A 38 -1.56 11.08 -0.90
C HIS A 38 -0.27 11.63 -1.51
N ILE A 39 0.26 10.93 -2.49
CA ILE A 39 1.47 11.37 -3.17
C ILE A 39 1.15 12.74 -3.78
N MSE A 40 2.06 13.69 -3.62
CA MSE A 40 1.81 15.04 -4.17
C MSE A 40 1.58 14.99 -5.68
O MSE A 40 2.34 14.36 -6.40
CB MSE A 40 2.98 15.98 -3.87
CG MSE A 40 2.69 17.42 -4.27
SE MSE A 40 4.18 18.62 -3.97
CE MSE A 40 3.94 18.92 -2.07
N GLY A 41 0.52 15.65 -6.12
CA GLY A 41 0.20 15.66 -7.54
C GLY A 41 -0.74 14.53 -7.94
N ALA A 42 -0.86 13.52 -7.08
CA ALA A 42 -1.73 12.39 -7.35
C ALA A 42 -3.20 12.80 -7.44
N MSE A 43 -3.96 12.06 -8.23
CA MSE A 43 -5.37 12.36 -8.37
C MSE A 43 -6.21 11.24 -7.75
O MSE A 43 -5.85 10.08 -7.84
CB MSE A 43 -5.72 12.55 -9.84
CG MSE A 43 -5.04 13.77 -10.46
SE MSE A 43 -5.43 13.88 -12.32
CE MSE A 43 -5.73 12.03 -12.72
N ALA A 44 -7.29 11.63 -7.09
CA ALA A 44 -8.17 10.67 -6.44
C ALA A 44 -9.10 10.01 -7.44
N MSE A 45 -8.90 8.71 -7.66
CA MSE A 45 -9.75 7.94 -8.55
C MSE A 45 -10.01 6.57 -7.95
O MSE A 45 -9.52 5.55 -8.45
CB MSE A 45 -9.09 7.80 -9.94
CG MSE A 45 -9.02 9.13 -10.71
SE MSE A 45 -8.78 8.87 -12.62
CE MSE A 45 -8.74 10.72 -13.15
N PRO A 46 -10.77 6.53 -6.85
CA PRO A 46 -11.13 5.30 -6.14
C PRO A 46 -11.42 4.21 -7.16
N ILE A 47 -10.93 3.01 -6.88
CA ILE A 47 -11.09 1.89 -7.79
C ILE A 47 -12.50 1.61 -8.30
N GLU A 48 -13.52 1.93 -7.50
CA GLU A 48 -14.90 1.69 -7.90
C GLU A 48 -15.31 2.44 -9.16
N ASP A 49 -14.72 3.60 -9.40
CA ASP A 49 -15.03 4.38 -10.60
C ASP A 49 -13.80 4.75 -11.42
N LEU A 50 -12.67 4.10 -11.11
CA LEU A 50 -11.41 4.35 -11.80
C LEU A 50 -11.50 4.33 -13.32
N VAL A 51 -11.98 3.23 -13.89
CA VAL A 51 -12.06 3.13 -15.34
C VAL A 51 -12.85 4.26 -15.98
N ASP A 52 -14.04 4.55 -15.45
CA ASP A 52 -14.84 5.63 -16.02
C ASP A 52 -14.20 7.01 -15.88
N ARG A 53 -13.56 7.27 -14.74
CA ARG A 53 -12.94 8.58 -14.52
C ARG A 53 -11.68 8.76 -15.35
N ALA A 54 -10.83 7.73 -15.35
CA ALA A 54 -9.59 7.78 -16.09
C ALA A 54 -9.86 7.90 -17.58
N SER A 55 -10.82 7.10 -18.06
CA SER A 55 -11.18 7.09 -19.47
C SER A 55 -11.73 8.42 -19.95
N SER A 56 -12.52 9.09 -19.10
CA SER A 56 -13.10 10.37 -19.51
C SER A 56 -12.16 11.56 -19.38
N SER A 57 -11.18 11.48 -18.49
CA SER A 57 -10.25 12.61 -18.28
C SER A 57 -8.87 12.48 -18.89
N LEU A 58 -8.47 11.25 -19.18
CA LEU A 58 -7.16 11.00 -19.75
C LEU A 58 -7.19 10.33 -21.11
N GLU A 59 -6.08 10.41 -21.86
CA GLU A 59 -5.97 9.72 -23.12
C GLU A 59 -5.26 8.40 -22.79
N LYS A 60 -5.55 7.35 -23.55
CA LYS A 60 -4.98 6.05 -23.33
C LYS A 60 -3.48 5.92 -23.48
N SER A 61 -2.81 6.90 -24.08
CA SER A 61 -1.35 6.85 -24.25
C SER A 61 -0.56 7.46 -23.10
N ARG A 62 -1.24 8.24 -22.26
CA ARG A 62 -0.63 8.91 -21.12
C ARG A 62 0.07 7.95 -20.16
N ASP A 63 1.33 8.26 -19.81
CA ASP A 63 2.07 7.45 -18.85
C ASP A 63 1.34 7.59 -17.52
N ILE A 64 0.93 6.48 -16.94
CA ILE A 64 0.18 6.49 -15.69
C ILE A 64 0.84 5.66 -14.60
N TYR A 65 0.96 6.26 -13.42
CA TYR A 65 1.54 5.60 -12.25
C TYR A 65 0.39 5.38 -11.29
N VAL A 66 0.14 4.14 -10.93
CA VAL A 66 -0.96 3.82 -10.03
C VAL A 66 -0.51 3.16 -8.74
N TYR A 67 -1.20 3.48 -7.66
CA TYR A 67 -0.92 2.86 -6.36
C TYR A 67 -2.21 2.76 -5.59
N GLY A 68 -2.40 1.63 -4.91
CA GLY A 68 -3.57 1.39 -4.11
C GLY A 68 -3.14 1.08 -2.70
N ALA A 69 -4.05 0.58 -1.87
CA ALA A 69 -3.75 0.30 -0.46
C ALA A 69 -2.88 -0.94 -0.20
N GLY A 70 -3.04 -1.97 -1.03
CA GLY A 70 -2.25 -3.18 -0.85
C GLY A 70 -1.91 -3.76 -2.20
N ASP A 71 -1.27 -4.93 -2.23
CA ASP A 71 -0.90 -5.57 -3.48
C ASP A 71 -2.11 -5.87 -4.35
N GLU A 72 -3.12 -6.49 -3.78
CA GLU A 72 -4.32 -6.83 -4.53
C GLU A 72 -5.04 -5.64 -5.16
N GLN A 73 -5.30 -4.60 -4.38
CA GLN A 73 -6.00 -3.44 -4.91
C GLN A 73 -5.16 -2.74 -5.97
N THR A 74 -3.85 -2.69 -5.77
CA THR A 74 -2.96 -2.04 -6.74
C THR A 74 -2.94 -2.81 -8.06
N SER A 75 -2.73 -4.12 -8.00
CA SER A 75 -2.69 -4.93 -9.22
C SER A 75 -4.04 -4.93 -9.92
N GLN A 76 -5.11 -4.92 -9.13
CA GLN A 76 -6.46 -4.90 -9.68
C GLN A 76 -6.64 -3.61 -10.49
N ALA A 77 -6.22 -2.49 -9.91
CA ALA A 77 -6.34 -1.20 -10.58
C ALA A 77 -5.59 -1.18 -11.90
N VAL A 78 -4.34 -1.65 -11.87
CA VAL A 78 -3.51 -1.70 -13.06
C VAL A 78 -4.20 -2.55 -14.13
N ASN A 79 -4.74 -3.69 -13.71
CA ASN A 79 -5.44 -4.57 -14.65
C ASN A 79 -6.68 -3.91 -15.25
N LEU A 80 -7.42 -3.16 -14.45
CA LEU A 80 -8.63 -2.50 -14.95
C LEU A 80 -8.28 -1.50 -16.04
N LEU A 81 -7.23 -0.70 -15.81
CA LEU A 81 -6.81 0.30 -16.78
C LEU A 81 -6.29 -0.34 -18.06
N ARG A 82 -5.37 -1.29 -17.91
CA ARG A 82 -4.81 -1.97 -19.06
C ARG A 82 -5.85 -2.67 -19.92
N SER A 83 -6.82 -3.33 -19.29
CA SER A 83 -7.86 -4.04 -20.04
C SER A 83 -8.91 -3.05 -20.55
N ALA A 84 -8.80 -1.80 -20.11
CA ALA A 84 -9.72 -0.76 -20.55
C ALA A 84 -9.10 -0.07 -21.76
N GLY A 85 -7.86 -0.44 -22.09
CA GLY A 85 -7.21 0.15 -23.24
C GLY A 85 -6.00 1.04 -22.95
N PHE A 86 -5.77 1.35 -21.68
CA PHE A 86 -4.63 2.21 -21.33
C PHE A 86 -3.32 1.49 -21.64
N GLU A 87 -2.49 2.17 -22.41
CA GLU A 87 -1.22 1.64 -22.90
C GLU A 87 0.01 1.67 -22.00
N HIS A 88 0.13 2.69 -21.18
CA HIS A 88 1.32 2.80 -20.35
C HIS A 88 1.05 2.96 -18.88
N VAL A 89 0.64 1.87 -18.25
CA VAL A 89 0.32 1.85 -16.83
C VAL A 89 1.43 1.17 -16.06
N SER A 90 1.90 1.84 -15.03
CA SER A 90 2.96 1.29 -14.20
C SER A 90 2.52 1.23 -12.75
N GLU A 91 2.81 0.11 -12.10
CA GLU A 91 2.47 -0.08 -10.70
C GLU A 91 3.53 0.64 -9.90
N LEU A 92 3.09 1.60 -9.09
CA LEU A 92 4.05 2.32 -8.28
C LEU A 92 4.35 1.40 -7.08
N LYS A 93 5.46 0.68 -7.14
CA LYS A 93 5.83 -0.27 -6.11
C LYS A 93 5.81 0.32 -4.70
N GLY A 94 5.06 -0.31 -3.82
CA GLY A 94 4.98 0.15 -2.44
C GLY A 94 4.00 1.27 -2.15
N GLY A 95 3.49 1.89 -3.20
CA GLY A 95 2.53 2.97 -3.02
C GLY A 95 2.97 4.08 -2.10
N LEU A 96 2.03 4.61 -1.34
CA LEU A 96 2.26 5.72 -0.42
C LEU A 96 3.34 5.44 0.63
N ALA A 97 3.27 4.27 1.26
CA ALA A 97 4.24 3.89 2.29
C ALA A 97 5.68 3.92 1.76
N ALA A 98 5.91 3.27 0.61
CA ALA A 98 7.24 3.23 0.03
C ALA A 98 7.69 4.65 -0.32
N TRP A 99 6.75 5.43 -0.82
CA TRP A 99 7.00 6.81 -1.20
C TRP A 99 7.46 7.62 0.01
N LYS A 100 6.70 7.54 1.11
CA LYS A 100 7.07 8.27 2.32
C LYS A 100 8.45 7.84 2.81
N ALA A 101 8.73 6.55 2.70
CA ALA A 101 10.01 6.00 3.14
C ALA A 101 11.23 6.60 2.46
N ILE A 102 11.06 7.18 1.27
CA ILE A 102 12.20 7.79 0.59
C ILE A 102 12.06 9.31 0.55
N GLY A 103 11.31 9.86 1.49
CA GLY A 103 11.12 11.29 1.56
C GLY A 103 10.37 11.89 0.39
N GLY A 104 9.48 11.11 -0.21
CA GLY A 104 8.70 11.59 -1.34
C GLY A 104 7.63 12.58 -0.89
N PRO A 105 7.41 13.67 -1.65
CA PRO A 105 6.42 14.70 -1.31
C PRO A 105 4.98 14.16 -1.20
N THR A 106 4.24 14.65 -0.22
CA THR A 106 2.85 14.23 -0.03
C THR A 106 1.98 15.47 0.16
N GLU A 107 0.67 15.26 0.09
CA GLU A 107 -0.31 16.34 0.25
C GLU A 107 -1.54 15.76 0.95
N LEU A 108 -2.35 16.62 1.56
CA LEU A 108 -3.56 16.17 2.23
C LEU A 108 -4.70 17.17 2.07
N ASP B 8 25.40 27.01 -14.03
CA ASP B 8 24.40 26.13 -14.68
C ASP B 8 23.27 25.81 -13.69
N ALA B 9 22.06 26.20 -14.02
CA ALA B 9 20.94 25.98 -13.12
C ALA B 9 20.43 24.54 -13.13
N HIS B 10 20.77 23.77 -14.14
CA HIS B 10 20.27 22.40 -14.26
C HIS B 10 20.84 21.38 -13.31
N VAL B 11 22.16 21.35 -13.13
CA VAL B 11 22.73 20.38 -12.18
C VAL B 11 22.15 20.67 -10.79
N LEU B 12 22.04 21.95 -10.47
CA LEU B 12 21.50 22.35 -9.16
C LEU B 12 20.03 22.00 -9.02
N LYS B 13 19.25 22.31 -10.05
CA LYS B 13 17.82 22.01 -10.03
C LYS B 13 17.62 20.51 -9.90
N SER B 14 18.56 19.74 -10.42
CA SER B 14 18.48 18.28 -10.37
C SER B 14 18.77 17.74 -8.97
N ARG B 15 19.48 18.50 -8.17
CA ARG B 15 19.84 18.09 -6.81
C ARG B 15 18.86 18.51 -5.72
N LEU B 16 17.94 19.42 -6.04
CA LEU B 16 16.99 19.90 -5.03
C LEU B 16 16.13 18.82 -4.39
N GLU B 17 15.97 18.93 -3.08
CA GLU B 17 15.16 17.98 -2.31
C GLU B 17 13.86 18.67 -1.95
N TRP B 18 13.52 19.70 -2.71
CA TRP B 18 12.30 20.47 -2.51
C TRP B 18 11.84 21.14 -3.80
N GLY B 19 10.66 21.76 -3.76
CA GLY B 19 10.14 22.42 -4.94
C GLY B 19 8.82 23.09 -4.67
N GLU B 20 8.17 23.59 -5.71
CA GLU B 20 6.88 24.24 -5.54
C GLU B 20 5.77 23.20 -5.61
N PRO B 21 4.55 23.57 -5.17
CA PRO B 21 3.40 22.67 -5.17
C PRO B 21 3.12 22.05 -6.54
N ALA B 22 2.32 20.98 -6.55
CA ALA B 22 1.97 20.34 -7.82
C ALA B 22 1.01 21.24 -8.59
N PHE B 23 0.96 21.04 -9.90
CA PHE B 23 0.06 21.84 -10.72
C PHE B 23 -0.70 20.87 -11.61
N THR B 24 -1.91 21.27 -11.98
CA THR B 24 -2.78 20.47 -12.82
C THR B 24 -3.36 21.36 -13.91
N ILE B 25 -3.26 20.91 -15.15
CA ILE B 25 -3.77 21.67 -16.28
C ILE B 25 -5.10 21.05 -16.71
N LEU B 26 -6.15 21.87 -16.74
CA LEU B 26 -7.46 21.37 -17.14
C LEU B 26 -7.94 21.98 -18.46
N ASP B 27 -8.31 21.10 -19.37
CA ASP B 27 -8.82 21.47 -20.70
C ASP B 27 -10.33 21.35 -20.56
N VAL B 28 -11.03 22.48 -20.54
CA VAL B 28 -12.48 22.46 -20.36
C VAL B 28 -13.31 22.37 -21.63
N ARG B 29 -12.66 22.21 -22.77
CA ARG B 29 -13.37 22.06 -24.04
C ARG B 29 -13.98 20.67 -23.99
N ASP B 30 -14.81 20.32 -24.96
CA ASP B 30 -15.44 19.01 -24.99
C ASP B 30 -14.37 17.94 -25.24
N ARG B 31 -14.65 16.69 -24.86
CA ARG B 31 -13.69 15.61 -25.04
C ARG B 31 -13.21 15.37 -26.48
N SER B 32 -14.12 15.43 -27.44
CA SER B 32 -13.73 15.20 -28.84
C SER B 32 -12.69 16.22 -29.29
N THR B 33 -12.86 17.48 -28.84
CA THR B 33 -11.93 18.53 -29.17
C THR B 33 -10.58 18.19 -28.55
N TYR B 34 -10.63 17.78 -27.29
CA TYR B 34 -9.44 17.39 -26.54
C TYR B 34 -8.68 16.30 -27.33
N ASN B 35 -9.42 15.34 -27.87
CA ASN B 35 -8.81 14.24 -28.63
C ASN B 35 -8.03 14.69 -29.87
N ASP B 36 -8.35 15.86 -30.42
CA ASP B 36 -7.64 16.35 -31.60
C ASP B 36 -6.41 17.18 -31.26
N GLY B 37 -6.14 17.33 -29.97
CA GLY B 37 -4.98 18.10 -29.56
C GLY B 37 -5.26 18.86 -28.27
N HIS B 38 -4.30 18.80 -27.36
CA HIS B 38 -4.43 19.48 -26.07
C HIS B 38 -3.03 19.70 -25.49
N ILE B 39 -2.94 20.58 -24.50
CA ILE B 39 -1.67 20.88 -23.86
C ILE B 39 -1.14 19.60 -23.21
N MSE B 40 0.16 19.37 -23.36
CA MSE B 40 0.78 18.18 -22.79
C MSE B 40 0.51 18.03 -21.29
O MSE B 40 0.73 18.97 -20.53
CB MSE B 40 2.28 18.21 -23.03
CG MSE B 40 3.04 17.06 -22.36
SE MSE B 40 4.90 17.00 -22.85
CE MSE B 40 4.75 15.72 -24.28
N GLY B 41 0.04 16.86 -20.89
CA GLY B 41 -0.23 16.64 -19.47
C GLY B 41 -1.57 17.17 -19.03
N ALA B 42 -2.20 17.99 -19.87
CA ALA B 42 -3.50 18.55 -19.56
C ALA B 42 -4.54 17.45 -19.50
N MSE B 43 -5.65 17.74 -18.87
CA MSE B 43 -6.67 16.72 -18.78
C MSE B 43 -8.04 17.18 -19.14
O MSE B 43 -8.41 18.34 -18.92
CB MSE B 43 -6.61 16.14 -17.41
CG MSE B 43 -5.18 15.82 -17.17
SE MSE B 43 -5.01 14.79 -15.71
CE MSE B 43 -5.62 16.13 -14.44
N ALA B 44 -8.79 16.26 -19.73
CA ALA B 44 -10.12 16.54 -20.21
C ALA B 44 -11.18 16.61 -19.13
N MSE B 45 -11.64 17.82 -18.85
CA MSE B 45 -12.70 18.02 -17.88
C MSE B 45 -13.62 19.07 -18.49
O MSE B 45 -13.58 20.24 -18.10
CB MSE B 45 -12.14 18.47 -16.53
CG MSE B 45 -11.45 17.35 -15.79
SE MSE B 45 -11.23 17.72 -13.92
CE MSE B 45 -9.67 16.62 -13.57
N PRO B 46 -14.44 18.66 -19.47
CA PRO B 46 -15.38 19.55 -20.14
C PRO B 46 -16.23 20.35 -19.16
N ILE B 47 -16.60 21.56 -19.58
CA ILE B 47 -17.41 22.46 -18.76
C ILE B 47 -18.59 21.79 -18.05
N GLU B 48 -19.31 20.94 -18.79
CA GLU B 48 -20.49 20.27 -18.24
C GLU B 48 -20.28 19.46 -16.96
N ASP B 49 -19.12 18.85 -16.80
CA ASP B 49 -18.87 18.06 -15.61
C ASP B 49 -17.69 18.56 -14.81
N LEU B 50 -17.13 19.69 -15.23
CA LEU B 50 -15.98 20.27 -14.57
C LEU B 50 -16.00 20.23 -13.05
N VAL B 51 -16.97 20.91 -12.45
CA VAL B 51 -17.06 20.96 -10.99
C VAL B 51 -17.05 19.59 -10.31
N ASP B 52 -17.95 18.69 -10.73
CA ASP B 52 -18.00 17.36 -10.14
C ASP B 52 -16.71 16.57 -10.36
N ARG B 53 -16.22 16.53 -11.60
CA ARG B 53 -15.00 15.80 -11.91
C ARG B 53 -13.79 16.35 -11.17
N ALA B 54 -13.64 17.67 -11.15
CA ALA B 54 -12.52 18.28 -10.47
C ALA B 54 -12.61 18.06 -8.95
N SER B 55 -13.78 18.27 -8.38
CA SER B 55 -13.98 18.11 -6.94
C SER B 55 -13.70 16.69 -6.45
N SER B 56 -14.04 15.70 -7.25
CA SER B 56 -13.84 14.31 -6.87
C SER B 56 -12.43 13.78 -7.08
N SER B 57 -11.67 14.40 -7.99
CA SER B 57 -10.31 13.93 -8.27
C SER B 57 -9.15 14.79 -7.76
N LEU B 58 -9.43 16.03 -7.35
CA LEU B 58 -8.37 16.93 -6.90
C LEU B 58 -8.63 17.54 -5.53
N GLU B 59 -7.58 18.08 -4.91
CA GLU B 59 -7.75 18.75 -3.62
C GLU B 59 -8.08 20.20 -3.96
N LYS B 60 -8.90 20.85 -3.12
CA LYS B 60 -9.27 22.24 -3.37
C LYS B 60 -8.07 23.18 -3.46
N SER B 61 -6.93 22.76 -2.92
CA SER B 61 -5.73 23.60 -2.94
C SER B 61 -4.84 23.43 -4.17
N ARG B 62 -5.16 22.47 -5.03
CA ARG B 62 -4.35 22.23 -6.22
C ARG B 62 -4.16 23.47 -7.09
N ASP B 63 -2.92 23.73 -7.49
CA ASP B 63 -2.60 24.86 -8.36
C ASP B 63 -3.14 24.43 -9.72
N ILE B 64 -4.28 24.99 -10.10
CA ILE B 64 -4.96 24.64 -11.35
C ILE B 64 -4.82 25.70 -12.44
N TYR B 65 -4.54 25.23 -13.65
CA TYR B 65 -4.41 26.10 -14.82
C TYR B 65 -5.49 25.62 -15.79
N VAL B 66 -6.34 26.54 -16.21
CA VAL B 66 -7.45 26.21 -17.10
C VAL B 66 -7.40 26.89 -18.47
N TYR B 67 -7.93 26.21 -19.47
CA TYR B 67 -8.00 26.77 -20.81
C TYR B 67 -9.18 26.12 -21.53
N GLY B 68 -9.94 26.94 -22.25
CA GLY B 68 -11.08 26.45 -22.99
C GLY B 68 -11.05 26.97 -24.41
N ALA B 69 -12.21 26.97 -25.07
CA ALA B 69 -12.28 27.47 -26.43
C ALA B 69 -12.73 28.92 -26.39
N GLY B 70 -11.77 29.84 -26.28
CA GLY B 70 -12.09 31.25 -26.21
C GLY B 70 -11.91 31.71 -24.79
N ASP B 71 -11.44 32.94 -24.60
CA ASP B 71 -11.22 33.46 -23.26
C ASP B 71 -12.48 33.48 -22.39
N GLU B 72 -13.66 33.61 -23.00
CA GLU B 72 -14.87 33.63 -22.20
C GLU B 72 -15.16 32.27 -21.57
N GLN B 73 -14.92 31.19 -22.32
CA GLN B 73 -15.17 29.86 -21.76
C GLN B 73 -14.12 29.58 -20.69
N THR B 74 -12.90 30.04 -20.93
CA THR B 74 -11.83 29.86 -19.96
C THR B 74 -12.22 30.57 -18.66
N SER B 75 -12.50 31.88 -18.76
CA SER B 75 -12.88 32.64 -17.58
C SER B 75 -14.09 32.01 -16.88
N GLN B 76 -15.01 31.45 -17.66
CA GLN B 76 -16.20 30.81 -17.07
C GLN B 76 -15.82 29.58 -16.25
N ALA B 77 -14.85 28.82 -16.75
CA ALA B 77 -14.38 27.62 -16.10
C ALA B 77 -13.73 27.98 -14.77
N VAL B 78 -12.87 28.99 -14.83
CA VAL B 78 -12.16 29.46 -13.64
C VAL B 78 -13.16 29.87 -12.55
N ASN B 79 -14.20 30.59 -12.91
CA ASN B 79 -15.18 31.01 -11.92
C ASN B 79 -16.01 29.84 -11.39
N LEU B 80 -16.29 28.86 -12.24
CA LEU B 80 -17.06 27.69 -11.79
C LEU B 80 -16.27 26.95 -10.70
N LEU B 81 -14.95 26.85 -10.89
CA LEU B 81 -14.10 26.18 -9.92
C LEU B 81 -13.94 27.00 -8.65
N ARG B 82 -13.70 28.30 -8.81
CA ARG B 82 -13.53 29.18 -7.65
C ARG B 82 -14.80 29.23 -6.81
N SER B 83 -15.95 29.24 -7.48
CA SER B 83 -17.23 29.28 -6.78
C SER B 83 -17.45 27.98 -6.03
N ALA B 84 -16.69 26.95 -6.40
CA ALA B 84 -16.81 25.66 -5.74
C ALA B 84 -15.83 25.57 -4.58
N GLY B 85 -15.01 26.60 -4.41
CA GLY B 85 -14.06 26.61 -3.31
C GLY B 85 -12.61 26.38 -3.70
N PHE B 86 -12.34 26.14 -4.98
CA PHE B 86 -10.97 25.94 -5.41
C PHE B 86 -10.17 27.21 -5.12
N GLU B 87 -9.07 27.00 -4.41
CA GLU B 87 -8.18 28.05 -3.94
C GLU B 87 -7.16 28.66 -4.89
N HIS B 88 -6.70 27.89 -5.87
CA HIS B 88 -5.71 28.40 -6.81
C HIS B 88 -6.04 27.98 -8.24
N VAL B 89 -6.76 28.85 -8.94
CA VAL B 89 -7.16 28.59 -10.31
C VAL B 89 -6.69 29.77 -11.16
N SER B 90 -6.01 29.47 -12.26
CA SER B 90 -5.50 30.51 -13.14
C SER B 90 -5.94 30.29 -14.57
N GLU B 91 -6.22 31.39 -15.27
CA GLU B 91 -6.64 31.31 -16.66
C GLU B 91 -5.40 31.30 -17.53
N LEU B 92 -5.44 30.52 -18.60
CA LEU B 92 -4.35 30.47 -19.54
C LEU B 92 -4.83 31.38 -20.67
N LYS B 93 -4.68 32.68 -20.46
CA LYS B 93 -5.12 33.69 -21.43
C LYS B 93 -4.60 33.38 -22.84
N GLY B 94 -5.47 33.51 -23.84
CA GLY B 94 -5.07 33.23 -25.20
C GLY B 94 -5.14 31.75 -25.50
N GLY B 95 -5.52 30.98 -24.49
CA GLY B 95 -5.66 29.54 -24.65
C GLY B 95 -4.58 28.78 -25.41
N LEU B 96 -5.03 27.82 -26.21
CA LEU B 96 -4.11 26.99 -27.00
C LEU B 96 -3.20 27.79 -27.91
N ALA B 97 -3.73 28.85 -28.51
CA ALA B 97 -2.96 29.70 -29.41
C ALA B 97 -1.76 30.28 -28.66
N ALA B 98 -2.03 30.96 -27.56
CA ALA B 98 -0.99 31.56 -26.75
C ALA B 98 0.01 30.51 -26.25
N TRP B 99 -0.50 29.32 -25.92
CA TRP B 99 0.36 28.25 -25.43
C TRP B 99 1.35 27.82 -26.52
N LYS B 100 0.83 27.53 -27.70
CA LYS B 100 1.69 27.11 -28.80
C LYS B 100 2.59 28.26 -29.24
N ALA B 101 2.16 29.48 -28.99
CA ALA B 101 2.91 30.68 -29.36
C ALA B 101 4.27 30.73 -28.68
N ILE B 102 4.31 30.33 -27.41
CA ILE B 102 5.56 30.34 -26.66
C ILE B 102 6.28 29.00 -26.68
N GLY B 103 5.84 28.10 -27.56
CA GLY B 103 6.47 26.80 -27.66
C GLY B 103 5.97 25.77 -26.66
N GLY B 104 4.83 26.06 -26.03
CA GLY B 104 4.29 25.11 -25.07
C GLY B 104 4.02 23.78 -25.73
N PRO B 105 4.46 22.66 -25.11
CA PRO B 105 4.25 21.32 -25.66
C PRO B 105 2.79 20.89 -25.66
N THR B 106 2.41 20.16 -26.69
CA THR B 106 1.04 19.68 -26.82
C THR B 106 1.10 18.19 -27.14
N GLU B 107 -0.07 17.54 -27.14
CA GLU B 107 -0.14 16.12 -27.44
C GLU B 107 -1.57 15.75 -27.78
N LEU B 108 -1.76 14.55 -28.33
CA LEU B 108 -3.08 14.06 -28.67
C LEU B 108 -3.15 12.54 -28.61
N ILE C 3 2.79 -6.05 44.62
CA ILE C 3 2.88 -5.63 46.05
C ILE C 3 1.51 -5.21 46.60
N GLU C 4 0.46 -5.47 45.82
CA GLU C 4 -0.90 -5.13 46.23
C GLU C 4 -1.49 -6.33 46.95
N PRO C 5 -2.23 -6.11 48.05
CA PRO C 5 -2.84 -7.22 48.80
C PRO C 5 -3.65 -8.17 47.92
N GLN C 6 -4.23 -7.65 46.85
CA GLN C 6 -5.01 -8.47 45.92
C GLN C 6 -4.58 -8.11 44.52
N SER C 7 -3.86 -9.01 43.87
CA SER C 7 -3.35 -8.75 42.53
C SER C 7 -4.22 -9.29 41.39
N ASP C 8 -4.30 -8.49 40.34
CA ASP C 8 -5.06 -8.82 39.16
C ASP C 8 -4.22 -9.80 38.33
N ALA C 9 -4.87 -10.82 37.76
CA ALA C 9 -4.16 -11.81 36.96
C ALA C 9 -3.31 -11.14 35.87
N HIS C 10 -3.83 -10.06 35.30
CA HIS C 10 -3.12 -9.34 34.24
C HIS C 10 -1.80 -8.77 34.73
N VAL C 11 -1.80 -8.24 35.95
CA VAL C 11 -0.61 -7.64 36.55
C VAL C 11 0.54 -8.63 36.69
N LEU C 12 0.24 -9.80 37.26
CA LEU C 12 1.25 -10.84 37.46
C LEU C 12 1.78 -11.37 36.13
N LYS C 13 0.89 -11.50 35.15
CA LYS C 13 1.30 -11.99 33.85
C LYS C 13 2.33 -11.07 33.24
N SER C 14 2.20 -9.77 33.50
CA SER C 14 3.14 -8.79 32.98
C SER C 14 4.52 -8.86 33.66
N ARG C 15 4.56 -9.30 34.91
CA ARG C 15 5.83 -9.42 35.62
C ARG C 15 6.56 -10.70 35.21
N LEU C 16 5.79 -11.70 34.77
CA LEU C 16 6.39 -12.96 34.37
C LEU C 16 7.38 -12.77 33.23
N GLU C 17 8.45 -13.55 33.26
CA GLU C 17 9.45 -13.51 32.22
C GLU C 17 9.22 -14.74 31.34
N TRP C 18 8.76 -15.81 31.99
CA TRP C 18 8.51 -17.07 31.31
C TRP C 18 7.10 -17.21 30.73
N GLY C 19 6.92 -18.21 29.87
CA GLY C 19 5.62 -18.42 29.25
C GLY C 19 5.57 -19.71 28.47
N GLU C 20 4.49 -19.89 27.72
CA GLU C 20 4.33 -21.09 26.91
C GLU C 20 4.95 -20.80 25.55
N PRO C 21 5.12 -21.83 24.71
CA PRO C 21 5.70 -21.69 23.37
C PRO C 21 4.94 -20.72 22.47
N ALA C 22 5.64 -20.16 21.49
CA ALA C 22 5.03 -19.25 20.54
C ALA C 22 4.01 -20.05 19.74
N PHE C 23 3.05 -19.35 19.15
CA PHE C 23 2.03 -19.98 18.34
C PHE C 23 1.87 -19.17 17.07
N THR C 24 1.34 -19.80 16.03
CA THR C 24 1.12 -19.11 14.77
C THR C 24 -0.25 -19.50 14.22
N ILE C 25 -0.96 -18.51 13.70
CA ILE C 25 -2.28 -18.74 13.12
C ILE C 25 -2.17 -18.69 11.59
N LEU C 26 -2.60 -19.77 10.95
CA LEU C 26 -2.54 -19.86 9.50
C LEU C 26 -3.93 -19.85 8.89
N ASP C 27 -4.15 -18.92 7.97
CA ASP C 27 -5.42 -18.78 7.26
C ASP C 27 -5.12 -19.41 5.90
N VAL C 28 -5.68 -20.57 5.64
CA VAL C 28 -5.42 -21.27 4.39
C VAL C 28 -6.36 -20.93 3.24
N ARG C 29 -7.21 -19.91 3.43
CA ARG C 29 -8.11 -19.51 2.35
C ARG C 29 -7.28 -18.71 1.35
N ASP C 30 -7.85 -18.36 0.20
CA ASP C 30 -7.11 -17.60 -0.81
C ASP C 30 -6.84 -16.20 -0.27
N ARG C 31 -5.82 -15.54 -0.80
CA ARG C 31 -5.44 -14.20 -0.35
C ARG C 31 -6.54 -13.16 -0.46
N SER C 32 -7.27 -13.15 -1.57
CA SER C 32 -8.35 -12.19 -1.75
C SER C 32 -9.34 -12.35 -0.61
N THR C 33 -9.64 -13.59 -0.24
CA THR C 33 -10.54 -13.85 0.87
C THR C 33 -9.91 -13.33 2.17
N TYR C 34 -8.62 -13.60 2.34
CA TYR C 34 -7.87 -13.15 3.52
C TYR C 34 -7.98 -11.62 3.64
N ASN C 35 -7.83 -10.92 2.52
CA ASN C 35 -7.91 -9.46 2.52
C ASN C 35 -9.25 -8.88 2.99
N ASP C 36 -10.34 -9.60 2.75
CA ASP C 36 -11.67 -9.13 3.16
C ASP C 36 -11.91 -9.26 4.66
N GLY C 37 -11.09 -10.07 5.34
CA GLY C 37 -11.26 -10.24 6.77
C GLY C 37 -10.69 -11.57 7.25
N HIS C 38 -9.79 -11.51 8.23
CA HIS C 38 -9.17 -12.70 8.79
C HIS C 38 -8.90 -12.50 10.27
N ILE C 39 -8.56 -13.58 10.96
CA ILE C 39 -8.26 -13.52 12.38
C ILE C 39 -7.04 -12.63 12.60
N MSE C 40 -7.11 -11.73 13.57
CA MSE C 40 -5.98 -10.84 13.83
C MSE C 40 -4.70 -11.63 14.07
O MSE C 40 -4.70 -12.63 14.79
CB MSE C 40 -6.27 -9.96 15.06
CG MSE C 40 -5.15 -9.00 15.39
SE MSE C 40 -5.55 -7.90 16.93
CE MSE C 40 -6.49 -6.48 16.03
N GLY C 41 -3.61 -11.18 13.46
CA GLY C 41 -2.34 -11.86 13.62
C GLY C 41 -2.16 -13.05 12.70
N ALA C 42 -3.24 -13.51 12.07
CA ALA C 42 -3.16 -14.65 11.18
C ALA C 42 -2.36 -14.33 9.91
N MSE C 43 -1.69 -15.33 9.37
CA MSE C 43 -0.91 -15.14 8.16
C MSE C 43 -1.52 -15.93 7.03
O MSE C 43 -2.04 -17.04 7.21
CB MSE C 43 0.53 -15.56 8.41
CG MSE C 43 1.21 -14.74 9.50
SE MSE C 43 2.83 -15.54 9.89
CE MSE C 43 2.35 -17.38 9.64
N ALA C 44 -1.46 -15.34 5.83
CA ALA C 44 -2.03 -15.95 4.65
C ALA C 44 -1.13 -16.99 4.02
N MSE C 45 -1.57 -18.24 4.04
CA MSE C 45 -0.85 -19.33 3.44
C MSE C 45 -1.87 -20.23 2.77
O MSE C 45 -2.24 -21.29 3.30
CB MSE C 45 -0.04 -20.10 4.51
CG MSE C 45 1.16 -19.32 5.01
SE MSE C 45 2.45 -20.38 5.99
CE MSE C 45 3.35 -18.94 6.93
N PRO C 46 -2.40 -19.80 1.62
CA PRO C 46 -3.40 -20.54 0.86
C PRO C 46 -2.97 -21.99 0.71
N ILE C 47 -3.94 -22.90 0.81
CA ILE C 47 -3.68 -24.33 0.72
C ILE C 47 -2.72 -24.71 -0.41
N GLU C 48 -2.87 -24.06 -1.55
CA GLU C 48 -2.04 -24.34 -2.74
C GLU C 48 -0.53 -24.40 -2.47
N ASP C 49 -0.02 -23.51 -1.64
CA ASP C 49 1.40 -23.54 -1.32
C ASP C 49 1.65 -23.54 0.16
N LEU C 50 0.65 -23.98 0.92
CA LEU C 50 0.74 -24.07 2.37
C LEU C 50 1.97 -24.81 2.87
N VAL C 51 2.10 -26.09 2.48
CA VAL C 51 3.23 -26.89 2.93
C VAL C 51 4.57 -26.22 2.67
N ASP C 52 4.78 -25.76 1.44
CA ASP C 52 6.04 -25.09 1.10
C ASP C 52 6.25 -23.84 1.96
N ARG C 53 5.26 -22.96 2.00
CA ARG C 53 5.38 -21.72 2.77
C ARG C 53 5.54 -21.98 4.26
N ALA C 54 4.84 -22.99 4.77
CA ALA C 54 4.94 -23.32 6.18
C ALA C 54 6.32 -23.90 6.50
N SER C 55 6.78 -24.80 5.65
CA SER C 55 8.07 -25.46 5.85
C SER C 55 9.26 -24.52 5.78
N SER C 56 9.18 -23.52 4.93
CA SER C 56 10.30 -22.58 4.79
C SER C 56 10.36 -21.52 5.88
N SER C 57 9.22 -21.19 6.49
CA SER C 57 9.17 -20.13 7.50
C SER C 57 9.04 -20.56 8.97
N LEU C 58 8.60 -21.79 9.23
CA LEU C 58 8.41 -22.24 10.62
C LEU C 58 9.19 -23.47 11.04
N GLU C 59 9.20 -23.74 12.34
CA GLU C 59 9.87 -24.93 12.86
C GLU C 59 8.81 -26.03 12.81
N LYS C 60 9.22 -27.28 12.61
CA LYS C 60 8.23 -28.35 12.57
C LYS C 60 7.54 -28.50 13.91
N SER C 61 8.09 -27.86 14.95
CA SER C 61 7.53 -27.91 16.29
C SER C 61 6.64 -26.70 16.62
N ARG C 62 6.60 -25.71 15.74
CA ARG C 62 5.79 -24.52 15.97
C ARG C 62 4.33 -24.88 16.30
N ASP C 63 3.80 -24.28 17.35
CA ASP C 63 2.42 -24.51 17.76
C ASP C 63 1.54 -23.78 16.76
N ILE C 64 1.04 -24.55 15.79
CA ILE C 64 0.22 -24.01 14.71
C ILE C 64 -1.28 -24.19 14.84
N TYR C 65 -2.02 -23.14 14.50
CA TYR C 65 -3.47 -23.15 14.52
C TYR C 65 -3.90 -22.80 13.10
N VAL C 66 -4.73 -23.63 12.49
CA VAL C 66 -5.17 -23.38 11.12
C VAL C 66 -6.68 -23.29 10.96
N TYR C 67 -7.10 -22.49 9.98
CA TYR C 67 -8.52 -22.35 9.68
C TYR C 67 -8.66 -22.03 8.19
N GLY C 68 -9.65 -22.67 7.58
CA GLY C 68 -9.90 -22.47 6.16
C GLY C 68 -11.36 -22.14 5.92
N ALA C 69 -11.78 -22.21 4.66
CA ALA C 69 -13.15 -21.93 4.30
C ALA C 69 -14.01 -23.19 4.37
N GLY C 70 -14.41 -23.55 5.58
CA GLY C 70 -15.20 -24.75 5.77
C GLY C 70 -14.38 -25.80 6.49
N ASP C 71 -15.04 -26.67 7.24
CA ASP C 71 -14.33 -27.69 7.99
C ASP C 71 -13.51 -28.67 7.14
N GLU C 72 -13.93 -28.91 5.90
CA GLU C 72 -13.17 -29.81 5.04
C GLU C 72 -11.83 -29.17 4.66
N GLN C 73 -11.85 -27.90 4.28
CA GLN C 73 -10.59 -27.25 3.92
C GLN C 73 -9.69 -27.09 5.14
N THR C 74 -10.29 -26.90 6.31
CA THR C 74 -9.50 -26.73 7.53
C THR C 74 -8.84 -28.07 7.83
N SER C 75 -9.62 -29.12 7.66
CA SER C 75 -9.11 -30.44 7.92
C SER C 75 -8.03 -30.81 6.89
N GLN C 76 -8.18 -30.36 5.66
CA GLN C 76 -7.18 -30.63 4.64
C GLN C 76 -5.85 -30.00 5.04
N ALA C 77 -5.89 -28.77 5.51
CA ALA C 77 -4.69 -28.06 5.93
C ALA C 77 -4.02 -28.81 7.07
N VAL C 78 -4.83 -29.32 7.99
CA VAL C 78 -4.33 -30.08 9.11
C VAL C 78 -3.63 -31.33 8.60
N ASN C 79 -4.24 -32.01 7.64
CA ASN C 79 -3.65 -33.23 7.09
C ASN C 79 -2.35 -32.95 6.35
N LEU C 80 -2.35 -31.92 5.51
CA LEU C 80 -1.15 -31.55 4.75
C LEU C 80 0.06 -31.29 5.63
N LEU C 81 -0.14 -30.47 6.66
CA LEU C 81 0.93 -30.14 7.58
C LEU C 81 1.40 -31.34 8.39
N ARG C 82 0.46 -32.12 8.94
CA ARG C 82 0.86 -33.27 9.73
C ARG C 82 1.62 -34.29 8.88
N SER C 83 1.24 -34.42 7.62
CA SER C 83 1.93 -35.37 6.75
C SER C 83 3.30 -34.80 6.37
N ALA C 84 3.48 -33.50 6.56
CA ALA C 84 4.75 -32.87 6.25
C ALA C 84 5.69 -32.91 7.45
N GLY C 85 5.21 -33.44 8.57
CA GLY C 85 6.04 -33.53 9.75
C GLY C 85 5.79 -32.54 10.85
N PHE C 86 4.84 -31.62 10.66
CA PHE C 86 4.53 -30.64 11.72
C PHE C 86 3.90 -31.36 12.90
N GLU C 87 4.59 -31.27 14.03
CA GLU C 87 4.21 -31.92 15.28
C GLU C 87 3.01 -31.39 16.04
N HIS C 88 2.83 -30.07 16.04
CA HIS C 88 1.73 -29.49 16.78
C HIS C 88 0.78 -28.66 15.94
N VAL C 89 -0.13 -29.35 15.25
CA VAL C 89 -1.10 -28.67 14.41
C VAL C 89 -2.49 -28.81 15.00
N SER C 90 -3.18 -27.68 15.15
CA SER C 90 -4.52 -27.66 15.69
C SER C 90 -5.39 -26.87 14.73
N GLU C 91 -6.64 -27.27 14.61
CA GLU C 91 -7.53 -26.54 13.74
C GLU C 91 -8.43 -25.70 14.62
N LEU C 92 -9.04 -24.68 14.04
CA LEU C 92 -9.96 -23.84 14.78
C LEU C 92 -11.34 -24.32 14.36
N LYS C 93 -11.94 -25.14 15.22
CA LYS C 93 -13.26 -25.69 14.96
C LYS C 93 -14.27 -24.57 14.80
N GLY C 94 -15.04 -24.64 13.72
CA GLY C 94 -16.04 -23.61 13.46
C GLY C 94 -15.49 -22.52 12.56
N GLY C 95 -14.16 -22.46 12.44
CA GLY C 95 -13.55 -21.45 11.59
C GLY C 95 -13.85 -20.03 12.04
N LEU C 96 -13.95 -19.13 11.06
CA LEU C 96 -14.23 -17.72 11.32
C LEU C 96 -15.51 -17.50 12.11
N ALA C 97 -16.56 -18.25 11.77
CA ALA C 97 -17.84 -18.09 12.46
C ALA C 97 -17.68 -18.34 13.96
N ALA C 98 -17.00 -19.44 14.31
CA ALA C 98 -16.79 -19.79 15.70
C ALA C 98 -15.94 -18.73 16.39
N TRP C 99 -15.04 -18.13 15.62
CA TRP C 99 -14.15 -17.09 16.14
C TRP C 99 -14.93 -15.80 16.35
N LYS C 100 -15.73 -15.42 15.38
CA LYS C 100 -16.54 -14.19 15.52
C LYS C 100 -17.57 -14.42 16.62
N ALA C 101 -18.10 -15.64 16.69
CA ALA C 101 -19.10 -16.00 17.69
C ALA C 101 -18.58 -15.73 19.09
N ILE C 102 -17.32 -16.08 19.34
CA ILE C 102 -16.74 -15.86 20.66
C ILE C 102 -16.11 -14.48 20.78
N GLY C 103 -16.38 -13.62 19.80
CA GLY C 103 -15.85 -12.27 19.82
C GLY C 103 -14.36 -12.15 19.55
N GLY C 104 -13.81 -13.06 18.74
CA GLY C 104 -12.39 -13.02 18.43
C GLY C 104 -12.04 -11.81 17.58
N PRO C 105 -10.86 -11.20 17.80
CA PRO C 105 -10.43 -10.02 17.03
C PRO C 105 -10.08 -10.40 15.59
N THR C 106 -10.47 -9.56 14.65
CA THR C 106 -10.20 -9.79 13.24
C THR C 106 -9.65 -8.53 12.60
N GLU C 107 -9.01 -8.68 11.45
CA GLU C 107 -8.46 -7.53 10.73
C GLU C 107 -8.81 -7.58 9.26
N LEU C 108 -8.78 -6.40 8.63
CA LEU C 108 -9.09 -6.23 7.20
C LEU C 108 -10.60 -6.14 7.00
N ASP D 8 -8.08 -24.89 21.30
CA ASP D 8 -9.45 -24.30 21.23
C ASP D 8 -9.34 -22.81 20.91
N ALA D 9 -10.41 -22.24 20.35
CA ALA D 9 -10.44 -20.84 19.99
C ALA D 9 -10.34 -19.92 21.20
N HIS D 10 -11.07 -20.22 22.27
CA HIS D 10 -11.01 -19.39 23.47
C HIS D 10 -9.57 -19.36 23.97
N VAL D 11 -8.93 -20.52 23.91
CA VAL D 11 -7.54 -20.65 24.33
C VAL D 11 -6.72 -19.61 23.57
N LEU D 12 -6.90 -19.59 22.26
CA LEU D 12 -6.18 -18.67 21.38
C LEU D 12 -6.55 -17.20 21.61
N LYS D 13 -7.85 -16.91 21.65
CA LYS D 13 -8.31 -15.55 21.86
C LYS D 13 -7.62 -14.94 23.08
N SER D 14 -7.40 -15.76 24.11
CA SER D 14 -6.76 -15.32 25.33
C SER D 14 -5.34 -14.79 25.10
N ARG D 15 -4.53 -15.60 24.42
CA ARG D 15 -3.13 -15.26 24.12
C ARG D 15 -2.97 -13.97 23.29
N LEU D 16 -3.80 -13.79 22.27
CA LEU D 16 -3.71 -12.62 21.42
C LEU D 16 -3.99 -11.30 22.15
N GLU D 20 -0.15 -4.32 21.57
CA GLU D 20 -1.43 -3.75 21.15
C GLU D 20 -1.96 -4.44 19.88
N PRO D 21 -1.45 -4.08 18.69
CA PRO D 21 -1.99 -4.77 17.52
C PRO D 21 -1.08 -5.93 17.15
N ALA D 22 -1.55 -6.82 16.27
CA ALA D 22 -0.76 -7.96 15.86
C ALA D 22 0.63 -7.51 15.41
N PHE D 23 1.62 -8.38 15.60
CA PHE D 23 2.98 -8.08 15.16
C PHE D 23 3.61 -9.39 14.74
N THR D 24 4.66 -9.28 13.92
CA THR D 24 5.36 -10.45 13.44
C THR D 24 6.87 -10.18 13.42
N ILE D 25 7.64 -11.18 13.85
CA ILE D 25 9.09 -11.08 13.89
C ILE D 25 9.64 -11.85 12.70
N LEU D 26 10.45 -11.18 11.89
CA LEU D 26 11.04 -11.82 10.70
C LEU D 26 12.55 -11.95 10.82
N ASP D 27 13.04 -13.18 10.65
CA ASP D 27 14.47 -13.47 10.70
C ASP D 27 14.87 -13.57 9.23
N VAL D 28 15.64 -12.59 8.75
CA VAL D 28 16.05 -12.55 7.35
C VAL D 28 17.40 -13.20 7.04
N ARG D 29 17.93 -13.98 7.97
CA ARG D 29 19.19 -14.66 7.76
C ARG D 29 18.89 -15.96 7.00
N ASP D 30 19.93 -16.69 6.62
CA ASP D 30 19.70 -17.94 5.89
C ASP D 30 18.97 -18.93 6.79
N ARG D 31 18.14 -19.78 6.19
CA ARG D 31 17.38 -20.77 6.94
C ARG D 31 18.21 -21.64 7.89
N SER D 32 19.39 -22.07 7.45
CA SER D 32 20.24 -22.92 8.29
C SER D 32 20.63 -22.21 9.58
N THR D 33 20.91 -20.92 9.48
CA THR D 33 21.27 -20.12 10.65
C THR D 33 20.04 -20.03 11.55
N TYR D 34 18.87 -19.91 10.93
CA TYR D 34 17.59 -19.83 11.63
C TYR D 34 17.41 -21.11 12.46
N ASN D 35 17.75 -22.24 11.85
CA ASN D 35 17.62 -23.55 12.49
C ASN D 35 18.50 -23.72 13.72
N ASP D 36 19.65 -23.06 13.73
CA ASP D 36 20.56 -23.14 14.87
C ASP D 36 20.03 -22.33 16.04
N GLY D 37 19.10 -21.42 15.75
CA GLY D 37 18.54 -20.60 16.81
C GLY D 37 17.99 -19.29 16.29
N HIS D 38 16.84 -18.89 16.82
CA HIS D 38 16.18 -17.65 16.42
C HIS D 38 15.30 -17.13 17.54
N ILE D 39 14.86 -15.88 17.41
CA ILE D 39 13.98 -15.29 18.41
C ILE D 39 12.70 -16.13 18.43
N MSE D 40 12.26 -16.53 19.62
CA MSE D 40 11.05 -17.33 19.70
C MSE D 40 9.87 -16.72 18.96
O MSE D 40 9.55 -15.54 19.15
CB MSE D 40 10.67 -17.58 21.16
CG MSE D 40 9.42 -18.44 21.30
SE MSE D 40 9.02 -18.92 23.14
CE MSE D 40 10.35 -20.32 23.34
N GLY D 41 9.24 -17.52 18.13
CA GLY D 41 8.09 -17.04 17.37
C GLY D 41 8.47 -16.36 16.08
N ALA D 42 9.76 -16.11 15.89
CA ALA D 42 10.23 -15.45 14.68
C ALA D 42 10.06 -16.36 13.49
N MSE D 43 9.88 -15.76 12.33
CA MSE D 43 9.70 -16.57 11.15
C MSE D 43 10.86 -16.43 10.19
O MSE D 43 11.41 -15.35 10.03
CB MSE D 43 8.38 -16.23 10.51
CG MSE D 43 7.30 -16.33 11.55
SE MSE D 43 5.66 -16.48 10.72
CE MSE D 43 5.87 -14.94 9.55
N ALA D 44 11.22 -17.55 9.59
CA ALA D 44 12.32 -17.60 8.64
C ALA D 44 11.91 -17.09 7.27
N MSE D 45 12.46 -15.95 6.90
CA MSE D 45 12.20 -15.33 5.60
C MSE D 45 13.51 -14.76 5.09
O MSE D 45 13.74 -13.55 5.14
CB MSE D 45 11.13 -14.24 5.71
CG MSE D 45 9.72 -14.79 5.97
SE MSE D 45 8.28 -13.55 5.61
CE MSE D 45 6.84 -14.53 6.42
N PRO D 46 14.40 -15.64 4.58
CA PRO D 46 15.71 -15.22 4.05
C PRO D 46 15.52 -14.00 3.18
N ILE D 47 16.38 -13.00 3.35
CA ILE D 47 16.28 -11.76 2.61
C ILE D 47 16.05 -11.93 1.10
N GLU D 48 16.61 -12.99 0.52
CA GLU D 48 16.46 -13.23 -0.91
C GLU D 48 14.99 -13.31 -1.35
N ASP D 49 14.15 -13.98 -0.56
CA ASP D 49 12.73 -14.12 -0.89
C ASP D 49 11.83 -13.38 0.10
N LEU D 50 12.43 -12.47 0.86
CA LEU D 50 11.70 -11.70 1.85
C LEU D 50 10.48 -10.97 1.31
N VAL D 51 10.68 -10.12 0.32
CA VAL D 51 9.57 -9.37 -0.25
C VAL D 51 8.40 -10.23 -0.71
N ASP D 52 8.69 -11.31 -1.41
CA ASP D 52 7.63 -12.20 -1.88
C ASP D 52 6.88 -12.92 -0.76
N ARG D 53 7.64 -13.51 0.17
CA ARG D 53 7.06 -14.25 1.28
C ARG D 53 6.30 -13.36 2.25
N ALA D 54 6.84 -12.17 2.50
CA ALA D 54 6.22 -11.22 3.41
C ALA D 54 4.93 -10.65 2.83
N SER D 55 5.00 -10.23 1.58
CA SER D 55 3.85 -9.65 0.88
C SER D 55 2.73 -10.66 0.68
N SER D 56 3.07 -11.93 0.46
CA SER D 56 2.06 -12.93 0.24
C SER D 56 1.38 -13.42 1.53
N SER D 57 2.04 -13.25 2.67
CA SER D 57 1.47 -13.73 3.92
C SER D 57 0.98 -12.71 4.94
N LEU D 58 1.32 -11.44 4.77
CA LEU D 58 0.93 -10.43 5.76
C LEU D 58 0.21 -9.21 5.18
N GLU D 59 -0.39 -8.42 6.06
CA GLU D 59 -1.08 -7.20 5.64
C GLU D 59 0.02 -6.14 5.64
N LYS D 60 -0.15 -5.07 4.87
CA LYS D 60 0.85 -4.02 4.83
C LYS D 60 0.87 -3.25 6.14
N SER D 61 -0.19 -3.40 6.94
CA SER D 61 -0.30 -2.71 8.21
C SER D 61 0.26 -3.48 9.42
N ARG D 62 0.76 -4.69 9.17
CA ARG D 62 1.30 -5.52 10.24
C ARG D 62 2.53 -4.91 10.90
N ASP D 63 2.59 -4.96 12.23
CA ASP D 63 3.74 -4.44 12.96
C ASP D 63 4.82 -5.49 12.74
N ILE D 64 5.86 -5.13 12.02
CA ILE D 64 6.92 -6.09 11.72
C ILE D 64 8.25 -5.73 12.34
N TYR D 65 8.86 -6.70 13.01
CA TYR D 65 10.17 -6.52 13.63
C TYR D 65 11.13 -7.38 12.84
N VAL D 66 12.20 -6.76 12.34
CA VAL D 66 13.18 -7.45 11.51
C VAL D 66 14.59 -7.51 12.09
N TYR D 67 15.30 -8.60 11.79
CA TYR D 67 16.68 -8.78 12.22
C TYR D 67 17.41 -9.69 11.24
N GLY D 68 18.62 -9.27 10.89
CA GLY D 68 19.45 -10.04 9.99
C GLY D 68 20.73 -10.36 10.73
N ALA D 69 21.76 -10.77 10.00
CA ALA D 69 23.04 -11.14 10.61
C ALA D 69 23.83 -9.92 11.09
N GLY D 70 23.53 -8.76 10.52
CA GLY D 70 24.21 -7.55 10.90
C GLY D 70 23.25 -6.38 10.76
N ASP D 71 23.69 -5.18 11.12
CA ASP D 71 22.82 -4.02 11.01
C ASP D 71 22.60 -3.61 9.56
N GLU D 72 23.63 -3.77 8.73
CA GLU D 72 23.51 -3.43 7.32
C GLU D 72 22.47 -4.35 6.65
N GLN D 73 22.53 -5.65 6.98
CA GLN D 73 21.58 -6.59 6.38
C GLN D 73 20.20 -6.30 6.92
N THR D 74 20.13 -5.94 8.19
CA THR D 74 18.85 -5.62 8.82
C THR D 74 18.22 -4.42 8.11
N SER D 75 19.01 -3.37 7.87
CA SER D 75 18.53 -2.18 7.20
C SER D 75 18.16 -2.46 5.74
N GLN D 76 18.89 -3.35 5.08
CA GLN D 76 18.55 -3.66 3.70
C GLN D 76 17.14 -4.27 3.68
N ALA D 77 16.91 -5.23 4.58
CA ALA D 77 15.63 -5.91 4.68
C ALA D 77 14.51 -4.95 5.06
N VAL D 78 14.75 -4.13 6.07
CA VAL D 78 13.73 -3.19 6.50
C VAL D 78 13.33 -2.28 5.34
N ASN D 79 14.33 -1.80 4.60
CA ASN D 79 14.12 -0.91 3.46
C ASN D 79 13.33 -1.62 2.35
N LEU D 80 13.65 -2.89 2.13
CA LEU D 80 12.97 -3.68 1.11
C LEU D 80 11.47 -3.78 1.44
N LEU D 81 11.17 -4.12 2.69
CA LEU D 81 9.79 -4.24 3.12
C LEU D 81 9.04 -2.93 2.92
N ARG D 82 9.64 -1.82 3.34
CA ARG D 82 8.99 -0.52 3.18
C ARG D 82 8.76 -0.22 1.70
N SER D 83 9.78 -0.46 0.88
CA SER D 83 9.65 -0.21 -0.55
C SER D 83 8.56 -1.09 -1.15
N ALA D 84 8.14 -2.12 -0.41
CA ALA D 84 7.10 -3.03 -0.88
C ALA D 84 5.73 -2.66 -0.28
N GLY D 85 5.66 -1.50 0.35
CA GLY D 85 4.40 -1.06 0.92
C GLY D 85 4.14 -1.27 2.40
N PHE D 86 5.04 -1.95 3.11
CA PHE D 86 4.80 -2.18 4.54
C PHE D 86 4.94 -0.86 5.32
N GLU D 87 3.87 -0.53 6.02
CA GLU D 87 3.74 0.73 6.77
C GLU D 87 4.37 0.84 8.15
N HIS D 88 4.63 -0.30 8.80
CA HIS D 88 5.21 -0.29 10.13
C HIS D 88 6.30 -1.33 10.28
N VAL D 89 7.52 -1.01 9.85
CA VAL D 89 8.64 -1.92 9.95
C VAL D 89 9.70 -1.32 10.85
N SER D 90 10.18 -2.10 11.81
CA SER D 90 11.22 -1.62 12.71
C SER D 90 12.40 -2.58 12.75
N GLU D 91 13.60 -2.01 12.84
CA GLU D 91 14.83 -2.79 12.88
C GLU D 91 15.13 -3.23 14.31
N LEU D 92 15.65 -4.46 14.45
CA LEU D 92 16.04 -4.96 15.77
C LEU D 92 17.55 -4.86 15.83
N LYS D 93 18.04 -3.71 16.31
CA LYS D 93 19.46 -3.45 16.42
C LYS D 93 20.20 -4.42 17.33
N GLY D 94 21.26 -5.04 16.79
CA GLY D 94 22.03 -6.00 17.55
C GLY D 94 21.62 -7.41 17.19
N GLY D 95 20.50 -7.54 16.50
CA GLY D 95 20.01 -8.84 16.10
C GLY D 95 19.83 -9.81 17.24
N LEU D 96 20.02 -11.08 16.94
CA LEU D 96 19.89 -12.16 17.92
C LEU D 96 20.78 -11.97 19.14
N ALA D 97 22.00 -11.49 18.93
CA ALA D 97 22.95 -11.27 20.02
C ALA D 97 22.41 -10.35 21.10
N ALA D 98 21.96 -9.16 20.69
CA ALA D 98 21.41 -8.19 21.63
C ALA D 98 20.14 -8.74 22.28
N TRP D 99 19.36 -9.51 21.52
CA TRP D 99 18.14 -10.10 22.04
C TRP D 99 18.47 -11.06 23.18
N LYS D 100 19.47 -11.90 22.96
CA LYS D 100 19.89 -12.85 23.98
C LYS D 100 20.46 -12.13 25.21
N ALA D 101 21.05 -10.97 24.98
CA ALA D 101 21.66 -10.19 26.07
C ALA D 101 20.62 -9.68 27.07
N ILE D 102 19.39 -9.47 26.62
CA ILE D 102 18.34 -9.02 27.52
C ILE D 102 17.48 -10.21 27.91
N GLY D 103 18.04 -11.40 27.75
CA GLY D 103 17.34 -12.63 28.10
C GLY D 103 16.09 -12.91 27.28
N GLY D 104 16.12 -12.54 26.00
CA GLY D 104 14.97 -12.75 25.14
C GLY D 104 14.79 -14.22 24.80
N PRO D 105 13.54 -14.73 24.76
CA PRO D 105 13.33 -16.13 24.44
C PRO D 105 13.71 -16.50 23.01
N THR D 106 14.33 -17.66 22.85
CA THR D 106 14.76 -18.14 21.53
C THR D 106 14.35 -19.59 21.39
N GLU D 107 14.48 -20.11 20.17
CA GLU D 107 14.12 -21.48 19.86
C GLU D 107 14.97 -21.97 18.69
N LEU D 108 14.97 -23.27 18.44
CA LEU D 108 15.74 -23.83 17.35
C LEU D 108 15.17 -25.16 16.86
#